data_9KW7
#
_entry.id   9KW7
#
_cell.length_a   135.981
_cell.length_b   135.981
_cell.length_c   66.175
_cell.angle_alpha   90.000
_cell.angle_beta   90.000
_cell.angle_gamma   120.000
#
_symmetry.space_group_name_H-M   'P 32 2 1'
#
loop_
_entity.id
_entity.type
_entity.pdbx_description
1 polymer MonBI
2 non-polymer GLYCEROL
3 water water
#
_entity_poly.entity_id   1
_entity_poly.type   'polypeptide(L)'
_entity_poly.pdbx_seq_one_letter_code
;MNHKVHHHHHHIEGRHMNEFARAKRALEHSRRINAGDLDAIIDLYAPDAVLEDPVGLPPVTGHDALRAHYEPLLAAHLRE
EAAEPVAGQDATHALIQISSVMDYLPVGPLYAERGWLKAPDAPGTARIHRTAMLVIRMDASGLIRHLKSYWGTSDLTVLG
;
_entity_poly.pdbx_strand_id   B,A
#
loop_
_chem_comp.id
_chem_comp.type
_chem_comp.name
_chem_comp.formula
GOL non-polymer GLYCEROL 'C3 H8 O3'
#
# COMPACT_ATOMS: atom_id res chain seq x y z
N HIS A 16 22.16 1.61 0.26
CA HIS A 16 22.19 0.30 -0.37
C HIS A 16 21.09 0.15 -1.40
N MET A 17 19.90 -0.22 -0.94
CA MET A 17 18.73 -0.31 -1.81
C MET A 17 18.02 1.03 -1.78
N ASN A 18 18.34 1.87 -2.76
CA ASN A 18 17.80 3.22 -2.84
C ASN A 18 16.43 3.20 -3.51
N GLU A 19 15.89 4.40 -3.78
CA GLU A 19 14.54 4.51 -4.34
C GLU A 19 14.43 3.76 -5.66
N PHE A 20 15.38 3.99 -6.57
CA PHE A 20 15.32 3.39 -7.90
C PHE A 20 15.49 1.87 -7.84
N ALA A 21 16.41 1.39 -7.00
CA ALA A 21 16.64 -0.04 -6.91
C ALA A 21 15.47 -0.76 -6.24
N ARG A 22 14.85 -0.11 -5.25
CA ARG A 22 13.69 -0.72 -4.60
C ARG A 22 12.52 -0.86 -5.56
N ALA A 23 12.34 0.12 -6.45
CA ALA A 23 11.25 0.06 -7.42
C ALA A 23 11.48 -1.07 -8.42
N LYS A 24 12.70 -1.17 -8.94
CA LYS A 24 12.99 -2.21 -9.93
C LYS A 24 12.94 -3.61 -9.33
N ARG A 25 13.30 -3.75 -8.04
CA ARG A 25 13.19 -5.06 -7.40
C ARG A 25 11.74 -5.49 -7.26
N ALA A 26 10.83 -4.55 -7.07
CA ALA A 26 9.41 -4.89 -7.04
C ALA A 26 8.94 -5.40 -8.39
N LEU A 27 9.38 -4.76 -9.47
CA LEU A 27 9.02 -5.21 -10.81
C LEU A 27 9.72 -6.50 -11.19
N GLU A 28 10.93 -6.72 -10.67
CA GLU A 28 11.62 -7.98 -10.91
C GLU A 28 10.85 -9.15 -10.31
N HIS A 29 10.23 -8.95 -9.15
CA HIS A 29 9.43 -10.00 -8.53
C HIS A 29 8.28 -10.42 -9.44
N SER A 30 7.53 -9.45 -9.96
CA SER A 30 6.41 -9.78 -10.85
C SER A 30 6.90 -10.39 -12.15
N ARG A 31 8.10 -10.00 -12.60
CA ARG A 31 8.66 -10.58 -13.82
C ARG A 31 8.96 -12.06 -13.63
N ARG A 32 9.51 -12.43 -12.48
CA ARG A 32 9.84 -13.83 -12.22
C ARG A 32 8.59 -14.68 -12.00
N ILE A 33 7.54 -14.07 -11.44
CA ILE A 33 6.25 -14.77 -11.35
C ILE A 33 5.77 -15.16 -12.74
N ASN A 34 5.89 -14.24 -13.70
CA ASN A 34 5.45 -14.52 -15.06
C ASN A 34 6.37 -15.52 -15.75
N ALA A 35 7.66 -15.54 -15.39
CA ALA A 35 8.59 -16.48 -16.01
C ALA A 35 8.24 -17.91 -15.65
N GLY A 36 7.70 -18.15 -14.46
CA GLY A 36 7.23 -19.47 -14.07
C GLY A 36 8.27 -20.37 -13.45
N ASP A 37 9.51 -19.92 -13.32
CA ASP A 37 10.58 -20.72 -12.71
C ASP A 37 10.52 -20.49 -11.20
N LEU A 38 10.15 -21.55 -10.47
CA LEU A 38 9.96 -21.43 -9.02
C LEU A 38 11.25 -21.04 -8.32
N ASP A 39 12.36 -21.70 -8.66
CA ASP A 39 13.62 -21.45 -7.97
C ASP A 39 14.06 -20.00 -8.13
N ALA A 40 13.84 -19.41 -9.32
CA ALA A 40 14.18 -18.01 -9.51
C ALA A 40 13.29 -17.09 -8.68
N ILE A 41 12.05 -17.50 -8.42
CA ILE A 41 11.16 -16.72 -7.57
C ILE A 41 11.62 -16.79 -6.12
N ILE A 42 11.87 -17.99 -5.62
CA ILE A 42 12.26 -18.18 -4.23
C ILE A 42 13.58 -17.48 -3.94
N ASP A 43 14.43 -17.30 -4.95
CA ASP A 43 15.72 -16.67 -4.75
C ASP A 43 15.59 -15.20 -4.36
N LEU A 44 14.42 -14.58 -4.57
CA LEU A 44 14.22 -13.20 -4.17
C LEU A 44 13.85 -13.06 -2.70
N TYR A 45 13.57 -14.15 -2.01
CA TYR A 45 13.11 -14.12 -0.63
C TYR A 45 14.24 -14.49 0.32
N ALA A 46 14.28 -13.82 1.47
CA ALA A 46 15.16 -14.21 2.55
C ALA A 46 14.76 -15.59 3.06
N PRO A 47 15.69 -16.31 3.70
CA PRO A 47 15.36 -17.67 4.19
C PRO A 47 14.21 -17.71 5.18
N ASP A 48 13.95 -16.63 5.90
CA ASP A 48 12.87 -16.57 6.87
C ASP A 48 11.78 -15.58 6.48
N ALA A 49 11.62 -15.33 5.18
CA ALA A 49 10.67 -14.33 4.72
C ALA A 49 9.24 -14.74 5.06
N VAL A 50 8.41 -13.74 5.37
CA VAL A 50 7.02 -13.94 5.73
C VAL A 50 6.14 -13.42 4.61
N LEU A 51 5.19 -14.22 4.17
CA LEU A 51 4.25 -13.85 3.13
C LEU A 51 2.82 -13.87 3.69
N GLU A 52 2.05 -12.84 3.35
CA GLU A 52 0.64 -12.78 3.68
C GLU A 52 -0.15 -12.55 2.40
N ASP A 53 -0.95 -13.54 2.02
CA ASP A 53 -1.58 -13.53 0.70
C ASP A 53 -2.91 -14.27 0.79
N PRO A 54 -3.99 -13.56 1.15
CA PRO A 54 -4.07 -12.13 1.45
C PRO A 54 -3.86 -11.82 2.92
N VAL A 55 -3.61 -10.54 3.25
CA VAL A 55 -3.63 -10.10 4.63
C VAL A 55 -4.99 -10.44 5.24
N GLY A 56 -4.98 -11.04 6.42
CA GLY A 56 -6.17 -11.53 7.07
C GLY A 56 -6.19 -13.03 7.28
N LEU A 57 -5.41 -13.77 6.49
CA LEU A 57 -5.23 -15.20 6.64
C LEU A 57 -3.85 -15.49 7.24
N PRO A 58 -3.66 -16.66 7.83
CA PRO A 58 -2.39 -16.95 8.52
C PRO A 58 -1.19 -16.77 7.58
N PRO A 59 -0.09 -16.23 8.09
CA PRO A 59 1.06 -15.96 7.23
C PRO A 59 1.77 -17.24 6.81
N VAL A 60 2.62 -17.09 5.79
CA VAL A 60 3.40 -18.18 5.21
C VAL A 60 4.86 -17.83 5.41
N THR A 61 5.60 -18.67 6.13
CA THR A 61 6.96 -18.37 6.54
C THR A 61 7.90 -19.48 6.08
N GLY A 62 9.01 -19.08 5.46
CA GLY A 62 10.06 -20.01 5.08
C GLY A 62 10.01 -20.38 3.61
N HIS A 63 11.18 -20.77 3.09
CA HIS A 63 11.28 -21.14 1.68
C HIS A 63 10.43 -22.36 1.36
N ASP A 64 10.40 -23.35 2.27
CA ASP A 64 9.56 -24.53 2.06
C ASP A 64 8.10 -24.13 1.88
N ALA A 65 7.58 -23.30 2.79
CA ALA A 65 6.19 -22.90 2.72
C ALA A 65 5.93 -21.98 1.52
N LEU A 66 6.90 -21.15 1.18
CA LEU A 66 6.76 -20.28 0.01
C LEU A 66 6.67 -21.10 -1.28
N ARG A 67 7.41 -22.21 -1.34
CA ARG A 67 7.34 -23.08 -2.51
C ARG A 67 5.96 -23.73 -2.63
N ALA A 68 5.45 -24.27 -1.52
CA ALA A 68 4.14 -24.89 -1.55
C ALA A 68 3.04 -23.87 -1.86
N HIS A 69 3.26 -22.60 -1.51
CA HIS A 69 2.27 -21.58 -1.81
C HIS A 69 2.24 -21.26 -3.30
N TYR A 70 3.39 -21.20 -3.95
CA TYR A 70 3.45 -20.73 -5.33
C TYR A 70 3.22 -21.85 -6.34
N GLU A 71 3.49 -23.10 -5.98
CA GLU A 71 3.34 -24.20 -6.93
C GLU A 71 1.93 -24.30 -7.52
N PRO A 72 0.84 -24.25 -6.73
CA PRO A 72 -0.49 -24.29 -7.37
C PRO A 72 -0.77 -23.08 -8.22
N LEU A 73 -0.17 -21.92 -7.91
CA LEU A 73 -0.41 -20.73 -8.72
C LEU A 73 0.33 -20.80 -10.05
N LEU A 74 1.57 -21.29 -10.04
CA LEU A 74 2.31 -21.45 -11.29
C LEU A 74 1.66 -22.50 -12.17
N ALA A 75 1.11 -23.56 -11.57
CA ALA A 75 0.38 -24.57 -12.33
C ALA A 75 -0.87 -24.00 -12.98
N ALA A 76 -1.40 -22.89 -12.45
CA ALA A 76 -2.54 -22.19 -13.03
C ALA A 76 -2.11 -21.11 -14.02
N HIS A 77 -0.81 -21.04 -14.36
CA HIS A 77 -0.30 -20.08 -15.33
C HIS A 77 -0.59 -18.65 -14.93
N LEU A 78 -0.36 -18.33 -13.67
CA LEU A 78 -0.52 -16.97 -13.16
C LEU A 78 0.30 -15.98 -13.97
N ARG A 79 -0.35 -14.96 -14.49
CA ARG A 79 0.31 -13.88 -15.20
C ARG A 79 -0.07 -12.55 -14.56
N GLU A 80 0.92 -11.69 -14.38
CA GLU A 80 0.75 -10.43 -13.65
C GLU A 80 1.04 -9.25 -14.56
N GLU A 81 0.20 -8.22 -14.43
CA GLU A 81 0.46 -6.92 -15.05
C GLU A 81 0.71 -5.93 -13.92
N ALA A 82 1.97 -5.54 -13.75
CA ALA A 82 2.36 -4.68 -12.65
C ALA A 82 2.17 -3.21 -13.02
N ALA A 83 1.67 -2.43 -12.06
CA ALA A 83 1.60 -0.99 -12.22
C ALA A 83 2.94 -0.38 -11.82
N GLU A 84 3.03 0.94 -11.87
CA GLU A 84 4.27 1.62 -11.48
C GLU A 84 4.41 1.57 -9.96
N PRO A 85 5.53 1.10 -9.43
CA PRO A 85 5.68 0.97 -7.98
C PRO A 85 5.98 2.30 -7.30
N VAL A 86 5.66 2.34 -6.00
CA VAL A 86 5.96 3.47 -5.13
C VAL A 86 7.09 3.04 -4.19
N ALA A 87 8.14 3.87 -4.12
CA ALA A 87 9.32 3.56 -3.32
C ALA A 87 9.30 4.23 -1.95
N GLY A 88 9.07 5.55 -1.91
CA GLY A 88 9.01 6.25 -0.66
C GLY A 88 10.38 6.64 -0.11
N GLN A 89 10.36 7.13 1.12
CA GLN A 89 11.53 7.71 1.77
C GLN A 89 12.24 6.74 2.71
N ASP A 90 11.69 5.54 2.92
CA ASP A 90 12.08 4.69 4.05
C ASP A 90 13.29 3.80 3.78
N ALA A 91 13.65 3.59 2.51
CA ALA A 91 14.83 2.85 2.07
C ALA A 91 14.72 1.33 2.25
N THR A 92 13.53 0.80 2.60
CA THR A 92 13.35 -0.65 2.66
C THR A 92 12.05 -1.13 2.01
N HIS A 93 11.09 -0.27 1.74
CA HIS A 93 9.77 -0.70 1.28
C HIS A 93 9.56 -0.35 -0.19
N ALA A 94 8.64 -1.10 -0.81
CA ALA A 94 8.14 -0.81 -2.13
C ALA A 94 6.69 -1.28 -2.20
N LEU A 95 5.82 -0.40 -2.69
CA LEU A 95 4.42 -0.72 -2.90
C LEU A 95 4.12 -0.77 -4.38
N ILE A 96 3.28 -1.71 -4.79
CA ILE A 96 2.99 -1.91 -6.20
C ILE A 96 1.63 -2.58 -6.33
N GLN A 97 0.84 -2.10 -7.28
CA GLN A 97 -0.46 -2.69 -7.59
C GLN A 97 -0.29 -3.73 -8.68
N ILE A 98 -0.89 -4.90 -8.48
CA ILE A 98 -0.74 -6.04 -9.39
C ILE A 98 -2.12 -6.45 -9.87
N SER A 99 -2.28 -6.56 -11.19
CA SER A 99 -3.46 -7.15 -11.79
C SER A 99 -3.10 -8.55 -12.29
N SER A 100 -3.80 -9.56 -11.78
CA SER A 100 -3.46 -10.94 -12.04
C SER A 100 -4.57 -11.64 -12.81
N VAL A 101 -4.18 -12.65 -13.58
CA VAL A 101 -5.11 -13.60 -14.19
C VAL A 101 -4.47 -14.99 -14.12
N MET A 102 -5.29 -16.00 -13.85
CA MET A 102 -4.81 -17.37 -13.79
C MET A 102 -5.97 -18.32 -14.12
N ASP A 103 -5.61 -19.56 -14.45
CA ASP A 103 -6.60 -20.62 -14.62
C ASP A 103 -7.44 -20.76 -13.35
N TYR A 104 -8.73 -21.08 -13.54
CA TYR A 104 -9.57 -21.33 -12.38
C TYR A 104 -9.07 -22.51 -11.58
N LEU A 105 -8.54 -23.52 -12.25
CA LEU A 105 -8.00 -24.63 -11.49
C LEU A 105 -6.49 -24.48 -11.32
N PRO A 106 -5.92 -24.96 -10.21
CA PRO A 106 -6.56 -25.71 -9.12
C PRO A 106 -6.97 -24.87 -7.91
N VAL A 107 -6.70 -23.57 -7.85
CA VAL A 107 -6.94 -22.82 -6.62
C VAL A 107 -8.38 -22.34 -6.52
N GLY A 108 -9.04 -22.09 -7.66
CA GLY A 108 -10.39 -21.58 -7.70
C GLY A 108 -11.39 -22.23 -6.76
N PRO A 109 -11.49 -23.56 -6.79
CA PRO A 109 -12.42 -24.23 -5.86
C PRO A 109 -12.17 -23.89 -4.41
N LEU A 110 -10.91 -23.66 -4.02
CA LEU A 110 -10.63 -23.19 -2.66
C LEU A 110 -11.29 -21.85 -2.39
N TYR A 111 -11.21 -20.93 -3.36
CA TYR A 111 -11.85 -19.63 -3.20
C TYR A 111 -13.36 -19.75 -3.20
N ALA A 112 -13.91 -20.61 -4.05
CA ALA A 112 -15.36 -20.76 -4.14
C ALA A 112 -15.93 -21.37 -2.86
N GLU A 113 -15.19 -22.30 -2.24
CA GLU A 113 -15.64 -22.91 -1.01
C GLU A 113 -15.61 -21.94 0.17
N ARG A 114 -14.85 -20.85 0.04
CA ARG A 114 -14.82 -19.81 1.06
C ARG A 114 -15.88 -18.74 0.84
N GLY A 115 -16.54 -18.72 -0.31
CA GLY A 115 -17.47 -17.67 -0.65
C GLY A 115 -16.84 -16.45 -1.28
N TRP A 116 -15.58 -16.54 -1.71
CA TRP A 116 -14.89 -15.41 -2.31
C TRP A 116 -15.25 -15.21 -3.78
N LEU A 117 -15.74 -16.24 -4.44
CA LEU A 117 -16.25 -16.13 -5.79
C LEU A 117 -17.29 -17.22 -6.00
N LYS A 118 -18.05 -17.11 -7.08
CA LYS A 118 -19.05 -18.10 -7.43
C LYS A 118 -18.46 -19.06 -8.45
N ALA A 119 -18.72 -20.36 -8.24
CA ALA A 119 -18.13 -21.38 -9.09
C ALA A 119 -18.63 -21.24 -10.52
N PRO A 120 -17.77 -21.39 -11.51
CA PRO A 120 -18.18 -21.26 -12.91
C PRO A 120 -18.77 -22.55 -13.45
N ASP A 121 -19.39 -22.44 -14.62
CA ASP A 121 -20.02 -23.59 -15.26
C ASP A 121 -19.01 -24.48 -15.98
N ALA A 122 -17.80 -23.98 -16.23
CA ALA A 122 -16.76 -24.75 -16.92
C ALA A 122 -15.42 -24.44 -16.28
N PRO A 123 -15.11 -25.10 -15.16
CA PRO A 123 -13.86 -24.79 -14.45
C PRO A 123 -12.60 -25.05 -15.25
N GLY A 124 -12.63 -26.03 -16.15
CA GLY A 124 -11.46 -26.35 -16.96
C GLY A 124 -11.06 -25.25 -17.91
N THR A 125 -11.97 -24.32 -18.21
CA THR A 125 -11.69 -23.23 -19.14
C THR A 125 -11.85 -21.85 -18.53
N ALA A 126 -12.48 -21.74 -17.36
CA ALA A 126 -12.67 -20.45 -16.73
C ALA A 126 -11.34 -19.88 -16.22
N ARG A 127 -11.34 -18.58 -15.93
CA ARG A 127 -10.16 -17.87 -15.48
C ARG A 127 -10.54 -16.90 -14.38
N ILE A 128 -9.58 -16.65 -13.49
CA ILE A 128 -9.77 -15.78 -12.33
C ILE A 128 -8.92 -14.53 -12.53
N HIS A 129 -9.55 -13.36 -12.44
CA HIS A 129 -8.84 -12.10 -12.44
C HIS A 129 -8.83 -11.52 -11.03
N ARG A 130 -7.72 -10.88 -10.66
CA ARG A 130 -7.56 -10.29 -9.35
C ARG A 130 -6.73 -9.01 -9.42
N THR A 131 -7.12 -8.04 -8.63
CA THR A 131 -6.33 -6.83 -8.39
C THR A 131 -5.90 -6.83 -6.93
N ALA A 132 -4.61 -6.56 -6.70
CA ALA A 132 -4.09 -6.60 -5.34
C ALA A 132 -3.07 -5.48 -5.16
N MET A 133 -2.85 -5.11 -3.89
CA MET A 133 -1.85 -4.13 -3.53
C MET A 133 -0.77 -4.83 -2.71
N LEU A 134 0.46 -4.75 -3.17
CA LEU A 134 1.59 -5.39 -2.51
C LEU A 134 2.37 -4.36 -1.69
N VAL A 135 2.72 -4.73 -0.47
CA VAL A 135 3.62 -3.96 0.37
C VAL A 135 4.82 -4.86 0.65
N ILE A 136 5.96 -4.54 0.04
CA ILE A 136 7.14 -5.38 0.08
C ILE A 136 8.19 -4.71 0.96
N ARG A 137 8.68 -5.44 1.95
CA ARG A 137 9.78 -4.99 2.79
C ARG A 137 11.01 -5.84 2.50
N MET A 138 12.09 -5.19 2.09
CA MET A 138 13.35 -5.84 1.80
C MET A 138 14.39 -5.43 2.83
N ASP A 139 15.46 -6.23 2.91
CA ASP A 139 16.61 -5.87 3.73
C ASP A 139 17.62 -5.11 2.86
N ALA A 140 18.74 -4.74 3.48
CA ALA A 140 19.76 -3.99 2.76
C ALA A 140 20.32 -4.76 1.57
N SER A 141 20.25 -6.09 1.63
CA SER A 141 20.73 -6.92 0.53
C SER A 141 19.79 -6.94 -0.66
N GLY A 142 18.52 -6.57 -0.46
CA GLY A 142 17.53 -6.60 -1.51
C GLY A 142 16.63 -7.82 -1.50
N LEU A 143 16.86 -8.77 -0.61
CA LEU A 143 15.98 -9.92 -0.47
C LEU A 143 14.71 -9.52 0.27
N ILE A 144 13.59 -10.12 -0.13
CA ILE A 144 12.32 -9.83 0.51
C ILE A 144 12.27 -10.49 1.88
N ARG A 145 12.00 -9.68 2.91
CA ARG A 145 11.80 -10.18 4.26
C ARG A 145 10.34 -10.29 4.64
N HIS A 146 9.47 -9.47 4.03
CA HIS A 146 8.05 -9.47 4.36
C HIS A 146 7.28 -8.94 3.16
N LEU A 147 6.30 -9.70 2.70
CA LEU A 147 5.45 -9.30 1.58
C LEU A 147 3.99 -9.41 2.02
N LYS A 148 3.28 -8.29 1.96
CA LYS A 148 1.87 -8.22 2.31
C LYS A 148 1.07 -7.93 1.05
N SER A 149 0.13 -8.83 0.74
CA SER A 149 -0.77 -8.67 -0.40
C SER A 149 -2.18 -8.41 0.11
N TYR A 150 -2.75 -7.27 -0.27
CA TYR A 150 -4.08 -6.87 0.16
C TYR A 150 -5.06 -7.09 -0.99
N TRP A 151 -6.07 -7.91 -0.75
CA TRP A 151 -7.16 -8.13 -1.70
C TRP A 151 -8.25 -8.93 -1.02
N GLY A 152 -9.48 -8.76 -1.51
CA GLY A 152 -10.62 -9.45 -0.95
C GLY A 152 -11.62 -9.92 -1.98
N THR A 153 -12.83 -10.26 -1.53
CA THR A 153 -13.86 -10.77 -2.43
C THR A 153 -14.15 -9.80 -3.56
N SER A 154 -14.24 -8.51 -3.25
CA SER A 154 -14.59 -7.52 -4.26
C SER A 154 -13.49 -7.34 -5.30
N ASP A 155 -12.27 -7.79 -5.03
CA ASP A 155 -11.16 -7.70 -5.97
C ASP A 155 -11.00 -8.95 -6.82
N LEU A 156 -11.91 -9.91 -6.68
CA LEU A 156 -11.84 -11.20 -7.36
C LEU A 156 -12.95 -11.29 -8.40
N THR A 157 -12.62 -11.71 -9.61
CA THR A 157 -13.61 -11.86 -10.68
C THR A 157 -13.34 -13.15 -11.44
N VAL A 158 -14.40 -13.91 -11.68
CA VAL A 158 -14.33 -15.15 -12.45
C VAL A 158 -14.77 -14.85 -13.88
N LEU A 159 -13.91 -15.14 -14.85
CA LEU A 159 -14.19 -14.92 -16.26
C LEU A 159 -14.46 -16.25 -16.93
N GLY A 160 -15.54 -16.32 -17.71
CA GLY A 160 -15.92 -17.54 -18.39
C GLY A 160 -16.60 -18.54 -17.50
N ARG B 22 -20.35 -0.55 2.65
CA ARG B 22 -20.09 0.80 2.18
C ARG B 22 -18.63 1.17 2.35
N ALA B 23 -17.97 1.54 1.25
CA ALA B 23 -16.56 1.90 1.27
C ALA B 23 -16.31 3.38 1.49
N LYS B 24 -17.33 4.23 1.32
CA LYS B 24 -17.18 5.64 1.62
C LYS B 24 -16.81 5.88 3.08
N ARG B 25 -17.04 4.88 3.93
CA ARG B 25 -16.55 4.92 5.31
C ARG B 25 -15.03 4.96 5.33
N ALA B 26 -14.37 4.27 4.40
CA ALA B 26 -12.91 4.26 4.33
C ALA B 26 -12.32 5.59 3.89
N LEU B 27 -13.13 6.50 3.36
CA LEU B 27 -12.68 7.81 2.91
C LEU B 27 -12.95 8.90 3.95
N GLU B 28 -13.40 8.52 5.15
CA GLU B 28 -13.78 9.52 6.15
C GLU B 28 -12.59 10.34 6.61
N HIS B 29 -11.42 9.71 6.69
CA HIS B 29 -10.22 10.43 7.13
C HIS B 29 -9.89 11.58 6.18
N SER B 30 -9.83 11.29 4.88
CA SER B 30 -9.56 12.34 3.90
C SER B 30 -10.70 13.35 3.84
N ARG B 31 -11.92 12.94 4.19
CA ARG B 31 -13.04 13.86 4.19
C ARG B 31 -12.92 14.88 5.32
N ARG B 32 -12.43 14.44 6.48
CA ARG B 32 -12.31 15.35 7.62
C ARG B 32 -11.10 16.26 7.51
N ILE B 33 -10.05 15.82 6.81
CA ILE B 33 -8.93 16.71 6.50
C ILE B 33 -9.40 17.87 5.64
N ASN B 34 -10.22 17.56 4.63
CA ASN B 34 -10.76 18.61 3.76
C ASN B 34 -11.67 19.56 4.52
N ALA B 35 -12.42 19.05 5.50
CA ALA B 35 -13.30 19.89 6.29
C ALA B 35 -12.55 20.86 7.18
N GLY B 36 -11.31 20.53 7.57
CA GLY B 36 -10.46 21.45 8.26
C GLY B 36 -10.65 21.57 9.77
N ASP B 37 -11.52 20.75 10.37
CA ASP B 37 -11.71 20.76 11.81
C ASP B 37 -10.72 19.79 12.42
N LEU B 38 -9.76 20.32 13.19
CA LEU B 38 -8.69 19.50 13.74
C LEU B 38 -9.22 18.44 14.70
N ASP B 39 -10.16 18.82 15.56
CA ASP B 39 -10.65 17.89 16.58
C ASP B 39 -11.38 16.71 15.95
N ALA B 40 -12.16 16.96 14.90
CA ALA B 40 -12.86 15.87 14.22
C ALA B 40 -11.89 14.89 13.57
N ILE B 41 -10.74 15.39 13.12
CA ILE B 41 -9.71 14.51 12.57
C ILE B 41 -9.12 13.64 13.68
N ILE B 42 -8.71 14.27 14.78
CA ILE B 42 -8.10 13.53 15.89
C ILE B 42 -9.09 12.53 16.47
N ASP B 43 -10.39 12.78 16.34
CA ASP B 43 -11.39 11.86 16.85
C ASP B 43 -11.35 10.51 16.17
N LEU B 44 -10.79 10.44 14.95
CA LEU B 44 -10.72 9.17 14.22
C LEU B 44 -9.61 8.27 14.73
N TYR B 45 -8.72 8.77 15.58
CA TYR B 45 -7.56 8.02 16.02
C TYR B 45 -7.78 7.45 17.42
N ALA B 46 -7.29 6.23 17.63
CA ALA B 46 -7.22 5.67 18.97
C ALA B 46 -6.30 6.54 19.83
N PRO B 47 -6.46 6.54 21.16
CA PRO B 47 -5.65 7.43 22.01
C PRO B 47 -4.16 7.20 21.91
N ASP B 48 -3.72 6.00 21.53
CA ASP B 48 -2.30 5.69 21.40
C ASP B 48 -1.90 5.38 19.96
N ALA B 49 -2.66 5.91 19.00
CA ALA B 49 -2.40 5.61 17.60
C ALA B 49 -1.03 6.11 17.16
N VAL B 50 -0.47 5.44 16.16
CA VAL B 50 0.83 5.78 15.61
C VAL B 50 0.65 6.22 14.16
N LEU B 51 1.24 7.34 13.80
CA LEU B 51 1.19 7.85 12.44
C LEU B 51 2.61 7.98 11.91
N GLU B 52 2.83 7.46 10.70
CA GLU B 52 4.11 7.58 10.01
C GLU B 52 3.86 8.32 8.71
N ASP B 53 4.35 9.55 8.63
CA ASP B 53 4.03 10.46 7.53
C ASP B 53 5.26 11.28 7.18
N PRO B 54 6.12 10.75 6.31
CA PRO B 54 6.04 9.44 5.64
C PRO B 54 6.71 8.34 6.44
N VAL B 55 6.48 7.08 6.07
CA VAL B 55 7.25 5.97 6.62
C VAL B 55 8.71 6.22 6.33
N GLY B 56 9.54 6.11 7.37
CA GLY B 56 10.96 6.42 7.30
C GLY B 56 11.39 7.56 8.19
N LEU B 57 10.45 8.35 8.68
CA LEU B 57 10.71 9.41 9.65
C LEU B 57 10.20 9.00 11.02
N PRO B 58 10.65 9.68 12.08
CA PRO B 58 10.19 9.35 13.43
C PRO B 58 8.67 9.32 13.51
N PRO B 59 8.10 8.25 14.07
CA PRO B 59 6.64 8.14 14.15
C PRO B 59 6.03 9.22 15.03
N VAL B 60 4.73 9.43 14.83
CA VAL B 60 3.94 10.38 15.60
C VAL B 60 2.95 9.58 16.44
N THR B 61 3.05 9.68 17.76
CA THR B 61 2.30 8.82 18.67
C THR B 61 1.52 9.67 19.66
N GLY B 62 0.21 9.44 19.73
CA GLY B 62 -0.63 10.08 20.73
C GLY B 62 -1.43 11.25 20.15
N HIS B 63 -2.52 11.57 20.82
CA HIS B 63 -3.38 12.67 20.38
C HIS B 63 -2.64 13.99 20.38
N ASP B 64 -1.75 14.20 21.35
CA ASP B 64 -0.99 15.45 21.41
C ASP B 64 -0.07 15.59 20.20
N ALA B 65 0.73 14.57 19.93
CA ALA B 65 1.64 14.63 18.80
C ALA B 65 0.87 14.64 17.48
N LEU B 66 -0.28 13.96 17.42
CA LEU B 66 -1.09 13.98 16.20
C LEU B 66 -1.66 15.36 15.94
N ARG B 67 -2.13 16.05 16.98
CA ARG B 67 -2.60 17.42 16.83
C ARG B 67 -1.49 18.31 16.31
N ALA B 68 -0.27 18.13 16.83
CA ALA B 68 0.87 18.94 16.39
C ALA B 68 1.22 18.67 14.93
N HIS B 69 0.95 17.47 14.44
CA HIS B 69 1.29 17.13 13.07
C HIS B 69 0.30 17.73 12.07
N TYR B 70 -0.98 17.79 12.44
CA TYR B 70 -2.02 18.19 11.49
C TYR B 70 -2.32 19.68 11.52
N GLU B 71 -2.06 20.36 12.63
CA GLU B 71 -2.29 21.80 12.71
C GLU B 71 -1.58 22.59 11.61
N PRO B 72 -0.28 22.40 11.35
CA PRO B 72 0.34 23.14 10.25
C PRO B 72 -0.23 22.77 8.88
N LEU B 73 -0.55 21.50 8.67
CA LEU B 73 -1.10 21.09 7.38
C LEU B 73 -2.48 21.69 7.14
N LEU B 74 -3.30 21.80 8.18
CA LEU B 74 -4.58 22.47 8.03
C LEU B 74 -4.41 23.97 7.82
N ALA B 75 -3.36 24.56 8.39
CA ALA B 75 -3.06 25.96 8.12
C ALA B 75 -2.69 26.20 6.67
N ALA B 76 -2.02 25.23 6.05
CA ALA B 76 -1.72 25.30 4.62
C ALA B 76 -2.92 24.95 3.74
N HIS B 77 -4.09 24.73 4.34
CA HIS B 77 -5.32 24.45 3.61
C HIS B 77 -5.19 23.20 2.76
N LEU B 78 -4.66 22.13 3.37
CA LEU B 78 -4.48 20.87 2.67
C LEU B 78 -5.80 20.35 2.12
N ARG B 79 -5.80 20.00 0.84
CA ARG B 79 -7.00 19.55 0.14
C ARG B 79 -6.68 18.24 -0.58
N GLU B 80 -7.45 17.20 -0.27
CA GLU B 80 -7.11 15.85 -0.67
C GLU B 80 -8.15 15.28 -1.63
N GLU B 81 -7.66 14.42 -2.54
CA GLU B 81 -8.50 13.58 -3.39
C GLU B 81 -8.11 12.14 -3.15
N ALA B 82 -9.04 11.33 -2.65
CA ALA B 82 -8.77 9.97 -2.25
C ALA B 82 -9.34 8.98 -3.25
N ALA B 83 -8.66 7.85 -3.41
CA ALA B 83 -9.13 6.75 -4.24
C ALA B 83 -8.78 5.44 -3.56
N GLU B 84 -9.65 4.45 -3.70
CA GLU B 84 -9.44 3.15 -3.08
C GLU B 84 -9.13 2.11 -4.15
N PRO B 85 -7.87 1.69 -4.28
CA PRO B 85 -7.55 0.73 -5.35
C PRO B 85 -8.10 -0.67 -5.10
N VAL B 86 -7.93 -1.18 -3.86
CA VAL B 86 -8.41 -2.50 -3.49
C VAL B 86 -9.25 -2.38 -2.23
N ALA B 87 -10.13 -3.37 -2.04
CA ALA B 87 -10.98 -3.39 -0.85
C ALA B 87 -10.33 -4.15 0.30
N GLY B 88 -9.61 -5.24 0.01
CA GLY B 88 -9.00 -6.05 1.04
C GLY B 88 -9.97 -7.05 1.63
N GLN B 89 -9.40 -8.00 2.37
CA GLN B 89 -10.18 -9.04 3.04
C GLN B 89 -10.59 -8.63 4.44
N ASP B 90 -10.98 -7.37 4.64
CA ASP B 90 -11.27 -6.88 5.98
C ASP B 90 -11.86 -5.48 5.90
N ALA B 91 -12.54 -5.10 6.97
CA ALA B 91 -12.74 -3.70 7.34
C ALA B 91 -11.70 -3.22 8.33
N THR B 92 -10.80 -4.10 8.76
CA THR B 92 -9.74 -3.72 9.69
C THR B 92 -8.65 -2.92 8.97
N HIS B 93 -8.49 -3.13 7.67
CA HIS B 93 -7.48 -2.44 6.87
C HIS B 93 -8.14 -1.66 5.75
N ALA B 94 -7.58 -0.49 5.44
CA ALA B 94 -7.97 0.32 4.30
C ALA B 94 -6.71 0.76 3.58
N LEU B 95 -6.79 0.80 2.25
CA LEU B 95 -5.68 1.25 1.43
C LEU B 95 -6.16 2.40 0.56
N ILE B 96 -5.63 3.59 0.82
CA ILE B 96 -6.09 4.82 0.20
C ILE B 96 -4.92 5.42 -0.58
N GLN B 97 -5.17 5.74 -1.85
CA GLN B 97 -4.24 6.54 -2.64
C GLN B 97 -4.67 8.00 -2.55
N ILE B 98 -3.73 8.87 -2.18
CA ILE B 98 -4.03 10.28 -1.94
C ILE B 98 -3.29 11.12 -2.97
N SER B 99 -4.02 12.06 -3.58
CA SER B 99 -3.43 13.16 -4.34
C SER B 99 -3.91 14.45 -3.71
N SER B 100 -2.96 15.28 -3.28
CA SER B 100 -3.29 16.44 -2.45
C SER B 100 -2.51 17.66 -2.89
N VAL B 101 -3.08 18.82 -2.58
CA VAL B 101 -2.46 20.12 -2.81
C VAL B 101 -2.61 20.94 -1.52
N MET B 102 -1.56 21.69 -1.19
CA MET B 102 -1.60 22.58 -0.04
C MET B 102 -0.71 23.78 -0.32
N ASP B 103 -0.95 24.86 0.44
CA ASP B 103 -0.07 26.02 0.35
C ASP B 103 1.36 25.61 0.71
N TYR B 104 2.33 26.30 0.09
CA TYR B 104 3.72 26.01 0.41
C TYR B 104 4.02 26.28 1.88
N LEU B 105 3.45 27.34 2.41
CA LEU B 105 3.71 27.64 3.82
C LEU B 105 2.62 27.06 4.70
N PRO B 106 2.94 26.62 5.93
CA PRO B 106 4.26 26.68 6.57
C PRO B 106 5.05 25.37 6.58
N VAL B 107 4.58 24.29 5.96
CA VAL B 107 5.32 23.03 6.01
C VAL B 107 6.36 22.92 4.90
N GLY B 108 6.21 23.66 3.81
CA GLY B 108 7.16 23.68 2.72
C GLY B 108 8.61 23.88 3.14
N PRO B 109 8.87 24.89 3.97
CA PRO B 109 10.25 25.07 4.46
C PRO B 109 10.81 23.85 5.17
N LEU B 110 9.96 23.09 5.86
CA LEU B 110 10.41 21.85 6.49
C LEU B 110 10.89 20.85 5.45
N TYR B 111 10.12 20.69 4.37
CA TYR B 111 10.53 19.79 3.29
C TYR B 111 11.80 20.29 2.61
N ALA B 112 11.94 21.62 2.50
CA ALA B 112 13.12 22.19 1.86
C ALA B 112 14.38 21.88 2.66
N GLU B 113 14.32 22.08 3.98
CA GLU B 113 15.49 21.87 4.81
C GLU B 113 15.83 20.39 4.98
N ARG B 114 14.88 19.49 4.71
CA ARG B 114 15.21 18.07 4.59
C ARG B 114 15.89 17.73 3.28
N GLY B 115 15.85 18.64 2.30
CA GLY B 115 16.38 18.36 0.98
C GLY B 115 15.44 17.65 0.05
N TRP B 116 14.13 17.73 0.29
CA TRP B 116 13.14 17.03 -0.51
C TRP B 116 12.59 17.87 -1.65
N LEU B 117 12.70 19.19 -1.55
CA LEU B 117 12.36 20.09 -2.64
C LEU B 117 13.27 21.30 -2.55
N LYS B 118 13.22 22.15 -3.57
CA LYS B 118 13.93 23.41 -3.56
C LYS B 118 12.92 24.54 -3.40
N ALA B 119 13.22 25.47 -2.50
CA ALA B 119 12.29 26.55 -2.19
C ALA B 119 12.00 27.39 -3.43
N PRO B 120 10.76 27.77 -3.66
CA PRO B 120 10.43 28.59 -4.83
C PRO B 120 10.78 30.06 -4.60
N ASP B 121 10.60 30.85 -5.65
CA ASP B 121 10.93 32.27 -5.58
C ASP B 121 9.89 33.07 -4.80
N ALA B 122 8.64 32.62 -4.79
CA ALA B 122 7.57 33.26 -4.04
C ALA B 122 6.81 32.22 -3.25
N PRO B 123 7.40 31.74 -2.14
CA PRO B 123 6.73 30.70 -1.34
C PRO B 123 5.37 31.14 -0.81
N GLY B 124 5.13 32.45 -0.66
CA GLY B 124 3.86 32.93 -0.16
C GLY B 124 2.69 32.69 -1.09
N THR B 125 2.96 32.45 -2.38
CA THR B 125 1.93 32.11 -3.34
C THR B 125 2.08 30.71 -3.92
N ALA B 126 3.19 30.03 -3.66
CA ALA B 126 3.42 28.70 -4.20
C ALA B 126 2.51 27.68 -3.52
N ARG B 127 2.40 26.51 -4.16
CA ARG B 127 1.63 25.40 -3.62
C ARG B 127 2.42 24.12 -3.80
N ILE B 128 2.07 23.11 -3.03
CA ILE B 128 2.75 21.82 -3.05
C ILE B 128 1.74 20.73 -3.40
N HIS B 129 1.99 19.99 -4.47
CA HIS B 129 1.20 18.83 -4.83
C HIS B 129 1.94 17.58 -4.37
N ARG B 130 1.20 16.64 -3.78
CA ARG B 130 1.85 15.49 -3.15
C ARG B 130 1.06 14.22 -3.44
N THR B 131 1.78 13.13 -3.57
CA THR B 131 1.23 11.80 -3.85
C THR B 131 1.59 10.88 -2.70
N ALA B 132 0.65 10.01 -2.29
CA ALA B 132 0.92 9.11 -1.19
C ALA B 132 0.00 7.89 -1.28
N MET B 133 0.51 6.76 -0.78
CA MET B 133 -0.26 5.54 -0.62
C MET B 133 -0.41 5.25 0.86
N LEU B 134 -1.65 5.16 1.34
CA LEU B 134 -1.94 5.03 2.76
C LEU B 134 -2.34 3.59 3.08
N VAL B 135 -1.75 3.03 4.13
CA VAL B 135 -2.15 1.74 4.69
C VAL B 135 -2.64 2.02 6.10
N ILE B 136 -3.95 1.95 6.30
CA ILE B 136 -4.58 2.30 7.59
C ILE B 136 -5.07 1.01 8.23
N ARG B 137 -4.58 0.73 9.44
CA ARG B 137 -5.09 -0.35 10.26
C ARG B 137 -5.95 0.24 11.38
N MET B 138 -7.16 -0.29 11.53
CA MET B 138 -8.08 0.13 12.55
C MET B 138 -8.39 -1.03 13.48
N ASP B 139 -8.88 -0.72 14.68
CA ASP B 139 -9.30 -1.74 15.62
C ASP B 139 -10.80 -2.00 15.49
N ALA B 140 -11.33 -2.84 16.37
CA ALA B 140 -12.71 -3.29 16.25
C ALA B 140 -13.70 -2.13 16.30
N SER B 141 -13.41 -1.12 17.13
CA SER B 141 -14.32 0.02 17.25
C SER B 141 -14.36 0.87 15.99
N GLY B 142 -13.38 0.72 15.09
CA GLY B 142 -13.30 1.52 13.89
C GLY B 142 -12.32 2.67 13.96
N LEU B 143 -11.63 2.84 15.08
CA LEU B 143 -10.66 3.92 15.22
C LEU B 143 -9.32 3.53 14.63
N ILE B 144 -8.63 4.52 14.08
CA ILE B 144 -7.29 4.31 13.53
C ILE B 144 -6.34 3.97 14.67
N ARG B 145 -5.61 2.87 14.51
CA ARG B 145 -4.58 2.43 15.44
C ARG B 145 -3.18 2.63 14.90
N HIS B 146 -3.01 2.55 13.57
CA HIS B 146 -1.73 2.78 12.92
C HIS B 146 -2.00 3.23 11.48
N LEU B 147 -1.39 4.33 11.07
CA LEU B 147 -1.49 4.84 9.71
C LEU B 147 -0.08 4.97 9.13
N LYS B 148 0.19 4.21 8.08
CA LYS B 148 1.46 4.28 7.36
C LYS B 148 1.23 4.99 6.03
N SER B 149 1.86 6.14 5.87
CA SER B 149 1.82 6.89 4.62
C SER B 149 3.15 6.74 3.90
N TYR B 150 3.11 6.19 2.70
CA TYR B 150 4.32 5.94 1.91
C TYR B 150 4.44 7.02 0.83
N TRP B 151 5.46 7.86 0.95
CA TRP B 151 5.79 8.86 -0.07
C TRP B 151 7.20 9.37 0.21
N GLY B 152 7.72 10.10 -0.75
CA GLY B 152 9.08 10.63 -0.65
C GLY B 152 9.31 11.81 -1.57
N THR B 153 10.57 11.97 -1.98
CA THR B 153 10.95 13.13 -2.79
C THR B 153 10.26 13.11 -4.15
N SER B 154 10.16 11.93 -4.77
CA SER B 154 9.58 11.83 -6.10
C SER B 154 8.11 12.25 -6.14
N ASP B 155 7.41 12.18 -5.02
CA ASP B 155 5.99 12.46 -4.96
C ASP B 155 5.67 13.93 -4.68
N LEU B 156 6.68 14.77 -4.48
CA LEU B 156 6.49 16.18 -4.19
C LEU B 156 6.73 17.01 -5.45
N THR B 157 5.86 17.99 -5.67
CA THR B 157 6.01 18.93 -6.79
C THR B 157 5.60 20.32 -6.32
N VAL B 158 6.50 21.28 -6.48
CA VAL B 158 6.19 22.67 -6.19
C VAL B 158 5.50 23.28 -7.40
N LEU B 159 4.36 23.94 -7.18
CA LEU B 159 3.61 24.61 -8.24
C LEU B 159 3.67 26.11 -8.00
N GLY B 160 4.17 26.85 -8.98
CA GLY B 160 4.29 28.29 -8.88
C GLY B 160 2.94 29.00 -8.82
C1 GOL C . 1.83 -11.41 -5.95
O1 GOL C . 3.02 -12.07 -6.24
C2 GOL C . 1.31 -11.97 -4.62
O2 GOL C . -0.02 -11.62 -4.40
C3 GOL C . 1.51 -13.50 -4.71
O3 GOL C . 0.56 -13.99 -5.59
C1 GOL D . 6.02 -5.36 8.78
O1 GOL D . 7.12 -5.47 9.63
C2 GOL D . 6.14 -3.98 8.08
O2 GOL D . 7.30 -3.32 8.44
C3 GOL D . 6.07 -4.28 6.55
O3 GOL D . 5.26 -3.31 5.96
C1 GOL E . 17.13 -22.07 -0.90
O1 GOL E . 16.69 -21.42 -2.05
C2 GOL E . 16.22 -23.31 -0.71
O2 GOL E . 16.75 -24.44 -1.31
C3 GOL E . 16.07 -23.48 0.84
O3 GOL E . 15.31 -24.63 1.05
C1 GOL F . -0.50 11.36 4.35
O1 GOL F . 0.66 12.05 3.96
C2 GOL F . -1.31 12.31 5.21
O2 GOL F . -0.79 13.61 5.18
C3 GOL F . -2.72 12.24 4.60
O3 GOL F . -3.60 12.27 5.67
C1 GOL G . 0.68 -1.92 12.90
O1 GOL G . 0.98 -2.39 14.18
C2 GOL G . 1.66 -2.58 11.95
O2 GOL G . 2.71 -3.18 12.63
C3 GOL G . 0.79 -3.56 11.12
O3 GOL G . 1.36 -3.59 9.83
C1 GOL H . -6.51 13.93 25.12
O1 GOL H . -5.33 13.33 24.68
C2 GOL H . -7.19 14.54 23.88
O2 GOL H . -7.76 13.58 23.07
C3 GOL H . -8.24 15.53 24.46
O3 GOL H . -9.17 15.79 23.45
#